data_6G4T
#
_entry.id   6G4T
#
_cell.length_a   66.300
_cell.length_b   89.380
_cell.length_c   44.370
_cell.angle_alpha   90.000
_cell.angle_beta   90.000
_cell.angle_gamma   90.000
#
_symmetry.space_group_name_H-M   'P 21 21 2'
#
loop_
_entity.id
_entity.type
_entity.pdbx_description
1 polymer 'Carbonic anhydrase 7'
2 non-polymer 'ZINC ION'
3 water water
#
_entity_poly.entity_id   1
_entity_poly.type   'polypeptide(L)'
_entity_poly.pdbx_seq_one_letter_code
;MGMTGHHGWGYGQDDGPSHWHKLYPIAQGDRQSPINIISSQAVYSPSLQPLELSYEACMSLSITNNGHSVQVDFNDSDDR
TVVTGGPLEGPYRLKQFHFHWGKKHDVGSEHTVDGKSFPSELHLVHWNAKKYSTFGEAASAPDGLAVVGVFLETGDEHPS
MNRLTDALYMVRFKGTKAQFSCFNPKSLLPASRHYWTYPGSLTTPPLSESVTWIVLREPISISERQMGKFRSLLFTSEDD
ERIHMVNNFRPPQPLKGRVVKASFRALEHHHHHH
;
_entity_poly.pdbx_strand_id   A
#
loop_
_chem_comp.id
_chem_comp.type
_chem_comp.name
_chem_comp.formula
ZN non-polymer 'ZINC ION' 'Zn 2'
#
# COMPACT_ATOMS: atom_id res chain seq x y z
N GLY A 8 17.18 8.32 7.83
CA GLY A 8 18.28 7.33 7.99
C GLY A 8 17.97 5.95 7.43
N TRP A 9 16.82 5.79 6.79
CA TRP A 9 16.48 4.48 6.24
C TRP A 9 16.08 4.61 4.78
N GLY A 10 16.26 3.53 4.03
CA GLY A 10 15.90 3.52 2.61
C GLY A 10 15.77 2.08 2.12
N TYR A 11 16.05 1.87 0.84
CA TYR A 11 15.98 0.54 0.24
C TYR A 11 17.29 0.17 -0.42
N GLY A 12 18.36 0.88 -0.08
CA GLY A 12 19.66 0.59 -0.66
C GLY A 12 20.29 -0.60 0.04
N GLN A 13 21.57 -0.88 -0.26
CA GLN A 13 22.23 -2.01 0.37
C GLN A 13 22.66 -1.74 1.81
N ASP A 14 22.94 -0.48 2.12
CA ASP A 14 23.37 -0.13 3.46
C ASP A 14 22.24 0.32 4.37
N ASP A 15 21.12 0.77 3.80
CA ASP A 15 20.03 1.24 4.62
C ASP A 15 18.71 0.52 4.40
N GLY A 16 18.77 -0.62 3.71
CA GLY A 16 17.59 -1.42 3.39
C GLY A 16 16.86 -2.12 4.52
N PRO A 17 15.70 -2.74 4.21
CA PRO A 17 14.87 -3.46 5.20
C PRO A 17 15.57 -4.42 6.18
N SER A 18 16.65 -5.08 5.76
CA SER A 18 17.35 -6.01 6.65
C SER A 18 18.11 -5.29 7.76
N HIS A 19 18.21 -3.97 7.65
CA HIS A 19 18.95 -3.18 8.62
C HIS A 19 18.10 -2.22 9.44
N TRP A 20 16.83 -2.08 9.07
CA TRP A 20 15.91 -1.18 9.76
C TRP A 20 15.82 -1.41 11.25
N HIS A 21 15.88 -2.67 11.67
CA HIS A 21 15.77 -2.99 13.09
C HIS A 21 16.82 -2.27 13.93
N LYS A 22 17.94 -1.89 13.31
CA LYS A 22 19.00 -1.19 14.02
C LYS A 22 18.54 0.17 14.54
N LEU A 23 17.55 0.75 13.87
CA LEU A 23 17.01 2.06 14.24
C LEU A 23 15.60 1.96 14.86
N TYR A 24 14.81 1.00 14.37
CA TYR A 24 13.44 0.76 14.84
C TYR A 24 13.32 -0.69 15.30
N PRO A 25 13.61 -0.97 16.57
CA PRO A 25 13.55 -2.32 17.14
C PRO A 25 12.23 -3.05 16.87
N ILE A 26 11.13 -2.29 16.75
CA ILE A 26 9.81 -2.90 16.52
C ILE A 26 9.82 -3.68 15.20
N ALA A 27 10.85 -3.44 14.39
CA ALA A 27 11.00 -4.14 13.12
C ALA A 27 11.03 -5.66 13.37
N GLN A 28 11.33 -6.07 14.59
CA GLN A 28 11.39 -7.48 14.92
C GLN A 28 10.24 -7.90 15.83
N GLY A 29 9.20 -7.08 15.85
CA GLY A 29 8.04 -7.32 16.68
C GLY A 29 7.18 -8.51 16.30
N ASP A 30 6.07 -8.66 17.01
CA ASP A 30 5.16 -9.77 16.78
C ASP A 30 4.03 -9.55 15.78
N ARG A 31 3.85 -8.33 15.30
CA ARG A 31 2.80 -8.04 14.32
C ARG A 31 3.34 -7.25 13.14
N GLN A 32 4.46 -7.68 12.60
CA GLN A 32 5.08 -6.99 11.49
C GLN A 32 4.52 -7.39 10.12
N SER A 33 4.60 -6.46 9.18
CA SER A 33 4.11 -6.66 7.83
C SER A 33 5.25 -6.29 6.90
N PRO A 34 5.22 -6.78 5.64
CA PRO A 34 4.17 -7.65 5.11
C PRO A 34 4.39 -9.11 5.51
N ILE A 35 3.58 -10.02 4.96
CA ILE A 35 3.71 -11.44 5.25
C ILE A 35 3.50 -12.28 4.00
N ASN A 36 3.85 -13.56 4.10
CA ASN A 36 3.63 -14.49 2.98
C ASN A 36 2.28 -15.11 3.33
N ILE A 37 1.31 -14.94 2.45
CA ILE A 37 -0.03 -15.48 2.68
C ILE A 37 -0.11 -16.90 2.13
N ILE A 38 -0.25 -17.88 3.02
CA ILE A 38 -0.35 -19.29 2.64
C ILE A 38 -1.86 -19.53 2.54
N SER A 39 -2.39 -19.52 1.33
CA SER A 39 -3.83 -19.66 1.13
C SER A 39 -4.50 -20.83 1.82
N SER A 40 -3.83 -21.98 1.85
CA SER A 40 -4.39 -23.18 2.48
C SER A 40 -4.45 -23.05 3.99
N GLN A 41 -3.76 -22.05 4.53
CA GLN A 41 -3.75 -21.86 5.97
C GLN A 41 -4.64 -20.71 6.44
N ALA A 42 -5.21 -19.97 5.50
CA ALA A 42 -6.09 -18.86 5.86
C ALA A 42 -7.43 -19.43 6.35
N VAL A 43 -7.98 -18.83 7.40
CA VAL A 43 -9.24 -19.32 7.95
C VAL A 43 -10.45 -18.61 7.35
N TYR A 44 -11.29 -19.36 6.65
CA TYR A 44 -12.49 -18.77 6.06
C TYR A 44 -13.32 -18.22 7.22
N SER A 45 -13.66 -16.93 7.16
CA SER A 45 -14.45 -16.30 8.22
C SER A 45 -15.71 -15.68 7.66
N PRO A 46 -16.80 -16.48 7.57
CA PRO A 46 -18.09 -16.02 7.06
C PRO A 46 -18.74 -14.95 7.93
N SER A 47 -18.31 -14.88 9.18
CA SER A 47 -18.84 -13.91 10.13
C SER A 47 -18.39 -12.49 9.77
N LEU A 48 -17.47 -12.38 8.80
CA LEU A 48 -17.00 -11.05 8.39
C LEU A 48 -18.04 -10.37 7.52
N GLN A 49 -18.29 -9.08 7.77
CA GLN A 49 -19.27 -8.33 6.99
C GLN A 49 -18.70 -7.95 5.62
N PRO A 50 -19.58 -7.56 4.68
CA PRO A 50 -19.13 -7.19 3.34
C PRO A 50 -18.16 -6.01 3.33
N LEU A 51 -17.10 -6.13 2.54
CA LEU A 51 -16.11 -5.07 2.45
C LEU A 51 -16.61 -4.05 1.45
N GLU A 52 -16.73 -2.81 1.90
CA GLU A 52 -17.18 -1.75 1.02
C GLU A 52 -16.19 -0.62 0.90
N LEU A 53 -15.85 -0.27 -0.33
CA LEU A 53 -14.94 0.82 -0.60
C LEU A 53 -15.74 1.93 -1.25
N SER A 54 -16.20 2.87 -0.44
CA SER A 54 -17.01 4.00 -0.90
C SER A 54 -16.14 5.22 -1.12
N TYR A 55 -15.73 5.39 -2.36
CA TYR A 55 -14.85 6.47 -2.77
C TYR A 55 -15.54 7.50 -3.65
N GLU A 56 -15.19 8.77 -3.46
CA GLU A 56 -15.75 9.86 -4.27
C GLU A 56 -14.79 10.07 -5.42
N ALA A 57 -15.28 10.74 -6.46
CA ALA A 57 -14.49 10.99 -7.64
C ALA A 57 -13.44 12.09 -7.49
N CYS A 58 -13.74 13.12 -6.69
CA CYS A 58 -12.82 14.23 -6.53
C CYS A 58 -12.38 14.57 -5.12
N MET A 59 -11.62 13.67 -4.51
CA MET A 59 -11.11 13.89 -3.17
C MET A 59 -9.59 13.98 -3.17
N SER A 60 -8.97 13.66 -4.32
CA SER A 60 -7.51 13.70 -4.42
C SER A 60 -6.98 15.12 -4.43
N LEU A 61 -5.84 15.31 -3.78
CA LEU A 61 -5.21 16.63 -3.69
C LEU A 61 -3.96 16.74 -4.56
N SER A 62 -3.02 15.81 -4.42
CA SER A 62 -1.79 15.90 -5.19
C SER A 62 -1.02 14.59 -5.27
N ILE A 63 0.05 14.60 -6.06
CA ILE A 63 0.89 13.41 -6.22
C ILE A 63 2.30 13.86 -5.85
N THR A 64 2.97 13.07 -5.03
CA THR A 64 4.30 13.43 -4.55
C THR A 64 5.32 12.30 -4.60
N ASN A 65 6.56 12.64 -4.91
CA ASN A 65 7.63 11.65 -4.88
C ASN A 65 8.31 12.03 -3.57
N ASN A 66 8.12 11.20 -2.54
CA ASN A 66 8.69 11.46 -1.22
C ASN A 66 10.01 10.75 -0.97
N GLY A 67 10.64 10.23 -2.02
CA GLY A 67 11.90 9.54 -1.84
C GLY A 67 11.74 8.05 -1.53
N HIS A 68 10.53 7.64 -1.14
CA HIS A 68 10.28 6.23 -0.82
C HIS A 68 9.28 5.58 -1.77
N SER A 69 8.43 6.40 -2.39
CA SER A 69 7.42 5.91 -3.31
C SER A 69 6.79 7.12 -3.99
N VAL A 70 5.74 6.91 -4.77
CA VAL A 70 5.01 8.03 -5.36
C VAL A 70 3.67 7.92 -4.60
N GLN A 71 3.24 9.02 -3.99
CA GLN A 71 2.02 9.00 -3.17
C GLN A 71 0.99 10.03 -3.57
N VAL A 72 -0.28 9.63 -3.54
CA VAL A 72 -1.39 10.52 -3.88
C VAL A 72 -2.13 10.79 -2.57
N ASP A 73 -2.21 12.05 -2.19
N ASP A 73 -2.19 12.04 -2.15
CA ASP A 73 -2.87 12.40 -0.94
CA ASP A 73 -2.87 12.36 -0.90
C ASP A 73 -4.31 12.85 -1.16
C ASP A 73 -4.31 12.82 -1.15
N PHE A 74 -5.16 12.55 -0.17
CA PHE A 74 -6.58 12.89 -0.23
C PHE A 74 -7.01 13.85 0.85
N ASN A 75 -8.16 14.48 0.63
CA ASN A 75 -8.75 15.38 1.61
C ASN A 75 -9.50 14.41 2.51
N ASP A 76 -9.22 14.43 3.81
CA ASP A 76 -9.90 13.52 4.73
C ASP A 76 -10.64 14.27 5.83
N SER A 77 -11.22 15.42 5.48
CA SER A 77 -11.97 16.23 6.44
C SER A 77 -13.35 15.64 6.74
N ASP A 78 -13.86 14.82 5.83
CA ASP A 78 -15.16 14.18 6.04
C ASP A 78 -15.09 12.70 5.66
N ASP A 79 -16.23 12.02 5.66
CA ASP A 79 -16.27 10.60 5.33
C ASP A 79 -16.73 10.25 3.92
N ARG A 80 -16.28 11.03 2.95
CA ARG A 80 -16.64 10.78 1.56
C ARG A 80 -15.88 9.59 0.99
N THR A 81 -14.58 9.49 1.26
CA THR A 81 -13.80 8.36 0.78
C THR A 81 -13.35 7.48 1.95
N VAL A 82 -14.12 6.44 2.24
CA VAL A 82 -13.80 5.56 3.36
C VAL A 82 -13.91 4.07 3.02
N VAL A 83 -13.34 3.25 3.89
CA VAL A 83 -13.45 1.81 3.74
C VAL A 83 -14.25 1.36 4.96
N THR A 84 -15.13 0.38 4.78
CA THR A 84 -15.92 -0.11 5.89
C THR A 84 -16.22 -1.58 5.69
N GLY A 85 -16.76 -2.24 6.72
CA GLY A 85 -17.10 -3.66 6.60
C GLY A 85 -15.91 -4.60 6.74
N GLY A 86 -16.09 -5.84 6.32
CA GLY A 86 -15.02 -6.81 6.45
C GLY A 86 -14.65 -6.94 7.91
N PRO A 87 -13.38 -6.76 8.30
CA PRO A 87 -12.96 -6.87 9.70
C PRO A 87 -13.10 -5.57 10.50
N LEU A 88 -13.35 -4.46 9.81
CA LEU A 88 -13.44 -3.16 10.45
C LEU A 88 -14.76 -2.94 11.21
N GLU A 89 -14.68 -2.32 12.38
CA GLU A 89 -15.92 -2.09 13.13
C GLU A 89 -16.65 -0.85 12.64
N GLY A 90 -15.90 0.13 12.17
CA GLY A 90 -16.48 1.35 11.67
C GLY A 90 -15.74 1.84 10.45
N PRO A 91 -16.06 3.04 9.94
CA PRO A 91 -15.42 3.63 8.76
C PRO A 91 -14.02 4.19 9.00
N TYR A 92 -13.14 3.98 8.04
CA TYR A 92 -11.77 4.49 8.07
C TYR A 92 -11.59 5.37 6.83
N ARG A 93 -11.18 6.61 7.06
CA ARG A 93 -10.98 7.58 5.98
C ARG A 93 -9.69 7.41 5.19
N LEU A 94 -9.80 7.53 3.86
CA LEU A 94 -8.63 7.41 3.01
C LEU A 94 -7.75 8.64 3.16
N LYS A 95 -6.47 8.41 3.46
CA LYS A 95 -5.51 9.49 3.62
C LYS A 95 -4.65 9.61 2.35
N GLN A 96 -4.20 8.47 1.84
CA GLN A 96 -3.34 8.45 0.67
C GLN A 96 -3.18 7.05 0.17
N PHE A 97 -2.65 6.92 -1.04
CA PHE A 97 -2.30 5.61 -1.57
C PHE A 97 -0.93 5.77 -2.21
N HIS A 98 -0.16 4.70 -2.26
CA HIS A 98 1.16 4.72 -2.86
C HIS A 98 1.45 3.30 -3.36
N PHE A 99 2.62 3.11 -3.98
CA PHE A 99 2.98 1.80 -4.53
C PHE A 99 4.37 1.31 -4.15
N HIS A 100 4.57 0.00 -4.35
CA HIS A 100 5.84 -0.69 -4.12
C HIS A 100 6.06 -1.48 -5.39
N TRP A 101 7.25 -1.43 -5.95
CA TRP A 101 7.51 -2.16 -7.19
C TRP A 101 8.97 -2.56 -7.27
N GLY A 102 9.31 -3.42 -8.23
CA GLY A 102 10.69 -3.87 -8.33
C GLY A 102 11.46 -3.37 -9.53
N LYS A 103 12.74 -3.74 -9.58
CA LYS A 103 13.59 -3.35 -10.70
C LYS A 103 13.31 -4.34 -11.83
N LYS A 104 13.04 -5.58 -11.45
CA LYS A 104 12.71 -6.63 -12.41
C LYS A 104 11.22 -6.90 -12.39
N HIS A 105 10.74 -7.67 -13.36
CA HIS A 105 9.31 -7.97 -13.47
C HIS A 105 8.79 -9.10 -12.57
N ASP A 106 9.69 -9.84 -11.94
CA ASP A 106 9.27 -10.96 -11.08
C ASP A 106 9.22 -10.62 -9.58
N VAL A 107 9.44 -9.36 -9.25
CA VAL A 107 9.45 -8.92 -7.85
C VAL A 107 8.90 -7.51 -7.74
N GLY A 108 8.58 -7.10 -6.52
CA GLY A 108 8.08 -5.75 -6.32
C GLY A 108 7.00 -5.65 -5.25
N SER A 109 6.14 -6.65 -5.15
CA SER A 109 5.09 -6.60 -4.15
C SER A 109 5.69 -6.86 -2.78
N GLU A 110 4.98 -6.47 -1.73
CA GLU A 110 5.44 -6.68 -0.36
C GLU A 110 4.82 -8.00 0.11
N HIS A 111 3.51 -8.10 0.09
CA HIS A 111 2.90 -9.35 0.48
C HIS A 111 3.16 -10.32 -0.66
N THR A 112 3.14 -11.61 -0.34
CA THR A 112 3.29 -12.64 -1.37
C THR A 112 2.19 -13.62 -1.06
N VAL A 113 1.80 -14.41 -2.06
CA VAL A 113 0.76 -15.43 -1.87
C VAL A 113 1.42 -16.75 -2.22
N ASP A 114 1.47 -17.67 -1.26
CA ASP A 114 2.11 -18.97 -1.46
C ASP A 114 3.51 -18.84 -2.09
N GLY A 115 4.27 -17.89 -1.57
CA GLY A 115 5.62 -17.65 -2.04
C GLY A 115 5.72 -16.83 -3.30
N LYS A 116 4.59 -16.49 -3.92
CA LYS A 116 4.58 -15.73 -5.16
C LYS A 116 4.50 -14.20 -5.01
N SER A 117 5.38 -13.49 -5.72
CA SER A 117 5.42 -12.03 -5.70
C SER A 117 4.80 -11.48 -7.00
N PHE A 118 4.31 -10.25 -6.93
CA PHE A 118 3.75 -9.60 -8.11
C PHE A 118 4.69 -8.44 -8.42
N PRO A 119 4.63 -7.90 -9.65
CA PRO A 119 5.46 -6.77 -10.12
C PRO A 119 5.32 -5.53 -9.25
N SER A 120 4.13 -5.34 -8.69
CA SER A 120 3.86 -4.18 -7.85
C SER A 120 2.70 -4.40 -6.87
N GLU A 121 2.64 -3.54 -5.85
CA GLU A 121 1.60 -3.58 -4.85
C GLU A 121 1.17 -2.16 -4.48
N LEU A 122 -0.13 -1.93 -4.52
CA LEU A 122 -0.76 -0.65 -4.20
C LEU A 122 -1.31 -0.71 -2.78
N HIS A 123 -1.06 0.34 -2.01
CA HIS A 123 -1.55 0.45 -0.65
C HIS A 123 -2.45 1.66 -0.49
N LEU A 124 -3.71 1.42 -0.11
CA LEU A 124 -4.68 2.47 0.12
C LEU A 124 -4.72 2.58 1.65
N VAL A 125 -4.17 3.68 2.16
CA VAL A 125 -4.03 3.91 3.59
C VAL A 125 -5.15 4.75 4.21
N HIS A 126 -5.90 4.12 5.13
CA HIS A 126 -7.02 4.76 5.80
C HIS A 126 -6.76 4.84 7.30
N TRP A 127 -7.39 5.81 7.97
CA TRP A 127 -7.22 5.93 9.41
C TRP A 127 -8.56 6.11 10.11
N ASN A 128 -8.57 5.75 11.39
CA ASN A 128 -9.77 5.85 12.22
C ASN A 128 -9.95 7.28 12.72
N ALA A 129 -10.45 8.15 11.85
CA ALA A 129 -10.66 9.55 12.17
C ALA A 129 -11.81 9.76 13.14
N LYS A 130 -12.59 8.71 13.37
CA LYS A 130 -13.71 8.84 14.28
C LYS A 130 -13.23 8.74 15.73
N LYS A 131 -12.17 7.98 15.94
CA LYS A 131 -11.61 7.77 17.28
C LYS A 131 -10.38 8.61 17.60
N TYR A 132 -9.57 8.92 16.58
CA TYR A 132 -8.37 9.70 16.80
C TYR A 132 -8.43 11.06 16.13
N SER A 133 -7.63 12.00 16.67
CA SER A 133 -7.60 13.38 16.17
C SER A 133 -6.74 13.63 14.94
N THR A 134 -5.73 12.80 14.77
CA THR A 134 -4.82 12.97 13.65
C THR A 134 -4.41 11.61 13.12
N PHE A 135 -3.95 11.58 11.88
CA PHE A 135 -3.49 10.34 11.27
C PHE A 135 -2.34 9.80 12.14
N GLY A 136 -1.44 10.70 12.54
CA GLY A 136 -0.29 10.30 13.36
C GLY A 136 -0.71 9.63 14.65
N GLU A 137 -1.73 10.20 15.28
CA GLU A 137 -2.24 9.63 16.51
C GLU A 137 -2.83 8.25 16.21
N ALA A 138 -3.62 8.11 15.14
CA ALA A 138 -4.17 6.78 14.85
C ALA A 138 -3.06 5.77 14.47
N ALA A 139 -1.97 6.25 13.87
CA ALA A 139 -0.86 5.38 13.47
C ALA A 139 -0.10 4.74 14.64
N SER A 140 -0.44 5.13 15.87
CA SER A 140 0.22 4.60 17.06
C SER A 140 -0.68 3.63 17.82
N ALA A 141 -1.91 3.48 17.37
CA ALA A 141 -2.89 2.61 18.01
C ALA A 141 -3.17 1.35 17.20
N PRO A 142 -3.31 0.20 17.86
CA PRO A 142 -3.58 -1.08 17.20
C PRO A 142 -4.75 -1.04 16.21
N ASP A 143 -5.80 -0.31 16.57
CA ASP A 143 -7.00 -0.19 15.74
C ASP A 143 -7.01 1.13 14.97
N GLY A 144 -5.86 1.81 14.87
CA GLY A 144 -5.84 3.08 14.20
C GLY A 144 -5.90 3.14 12.69
N LEU A 145 -5.28 2.18 12.02
CA LEU A 145 -5.23 2.20 10.55
C LEU A 145 -5.79 0.97 9.87
N ALA A 146 -6.25 1.15 8.64
CA ALA A 146 -6.78 0.10 7.79
C ALA A 146 -6.10 0.33 6.44
N VAL A 147 -5.33 -0.65 5.96
CA VAL A 147 -4.64 -0.52 4.68
C VAL A 147 -5.16 -1.61 3.74
N VAL A 148 -5.65 -1.19 2.59
CA VAL A 148 -6.13 -2.12 1.59
C VAL A 148 -4.99 -2.28 0.62
N GLY A 149 -4.62 -3.54 0.39
CA GLY A 149 -3.53 -3.83 -0.51
C GLY A 149 -4.08 -4.45 -1.78
N VAL A 150 -3.60 -3.98 -2.92
CA VAL A 150 -4.02 -4.48 -4.22
C VAL A 150 -2.78 -4.83 -5.03
N PHE A 151 -2.71 -6.09 -5.47
CA PHE A 151 -1.62 -6.59 -6.29
C PHE A 151 -1.74 -6.12 -7.73
N LEU A 152 -0.61 -5.79 -8.35
CA LEU A 152 -0.64 -5.40 -9.76
C LEU A 152 0.24 -6.35 -10.57
N GLU A 153 -0.25 -6.77 -11.74
CA GLU A 153 0.53 -7.62 -12.62
C GLU A 153 0.56 -6.91 -13.97
N THR A 154 1.43 -7.33 -14.88
CA THR A 154 1.49 -6.68 -16.17
C THR A 154 0.65 -7.49 -17.15
N GLY A 155 -0.07 -6.77 -18.00
CA GLY A 155 -0.93 -7.39 -18.99
C GLY A 155 -1.47 -6.28 -19.83
N ASP A 156 -2.80 -6.19 -19.98
CA ASP A 156 -3.40 -5.13 -20.78
C ASP A 156 -3.25 -3.78 -20.10
N GLU A 157 -3.22 -2.74 -20.91
CA GLU A 157 -3.10 -1.38 -20.41
C GLU A 157 -4.30 -1.04 -19.54
N HIS A 158 -4.07 -0.28 -18.50
CA HIS A 158 -5.13 0.14 -17.59
C HIS A 158 -5.48 1.59 -17.94
N PRO A 159 -6.68 1.82 -18.49
CA PRO A 159 -7.12 3.16 -18.88
C PRO A 159 -6.94 4.24 -17.82
N SER A 160 -7.51 4.02 -16.64
CA SER A 160 -7.40 5.00 -15.57
C SER A 160 -5.98 5.21 -15.08
N MET A 161 -5.15 4.17 -15.16
CA MET A 161 -3.78 4.28 -14.71
C MET A 161 -2.98 5.32 -15.50
N ASN A 162 -3.38 5.59 -16.75
CA ASN A 162 -2.65 6.57 -17.55
C ASN A 162 -2.55 7.95 -16.91
N ARG A 163 -3.61 8.42 -16.29
CA ARG A 163 -3.57 9.72 -15.64
C ARG A 163 -2.47 9.78 -14.63
N LEU A 164 -2.28 8.67 -13.91
CA LEU A 164 -1.26 8.57 -12.89
C LEU A 164 0.13 8.42 -13.52
N THR A 165 0.28 7.44 -14.42
CA THR A 165 1.57 7.26 -15.05
C THR A 165 2.03 8.46 -15.90
N ASP A 166 1.08 9.22 -16.47
CA ASP A 166 1.44 10.41 -17.25
C ASP A 166 1.93 11.55 -16.34
N ALA A 167 1.56 11.49 -15.07
CA ALA A 167 1.96 12.53 -14.11
C ALA A 167 3.32 12.25 -13.46
N LEU A 168 3.84 11.04 -13.61
CA LEU A 168 5.10 10.67 -12.98
C LEU A 168 6.34 11.47 -13.41
N TYR A 169 6.38 11.92 -14.66
CA TYR A 169 7.52 12.68 -15.15
C TYR A 169 7.79 13.93 -14.32
N MET A 170 6.74 14.68 -13.99
CA MET A 170 6.89 15.91 -13.23
C MET A 170 7.30 15.68 -11.79
N VAL A 171 7.19 14.44 -11.31
CA VAL A 171 7.59 14.13 -9.95
C VAL A 171 8.64 13.04 -9.95
N ARG A 172 9.48 13.02 -10.98
CA ARG A 172 10.53 11.98 -11.06
C ARG A 172 11.59 12.15 -9.98
N PHE A 173 11.88 13.39 -9.61
CA PHE A 173 12.87 13.68 -8.58
C PHE A 173 12.28 13.68 -7.18
N LYS A 174 13.06 13.18 -6.22
CA LYS A 174 12.64 13.13 -4.83
C LYS A 174 12.30 14.53 -4.33
N GLY A 175 11.24 14.63 -3.52
CA GLY A 175 10.84 15.90 -2.96
C GLY A 175 9.96 16.76 -3.84
N THR A 176 9.62 16.26 -5.03
CA THR A 176 8.79 17.04 -5.92
C THR A 176 7.33 16.61 -5.82
N LYS A 177 6.43 17.55 -6.11
CA LYS A 177 5.01 17.27 -6.05
C LYS A 177 4.23 18.06 -7.10
N ALA A 178 3.02 17.60 -7.39
CA ALA A 178 2.16 18.25 -8.37
C ALA A 178 0.71 18.09 -7.95
N GLN A 179 -0.13 18.99 -8.44
CA GLN A 179 -1.55 18.93 -8.13
C GLN A 179 -2.10 17.71 -8.88
N PHE A 180 -3.07 17.03 -8.28
CA PHE A 180 -3.63 15.83 -8.89
C PHE A 180 -5.10 15.76 -8.48
N SER A 181 -5.93 16.50 -9.20
CA SER A 181 -7.35 16.57 -8.88
C SER A 181 -8.26 15.59 -9.60
N CYS A 182 -9.34 15.23 -8.92
CA CYS A 182 -10.35 14.34 -9.43
C CYS A 182 -9.85 13.01 -9.97
N PHE A 183 -9.07 12.32 -9.15
CA PHE A 183 -8.62 11.00 -9.51
C PHE A 183 -9.36 10.11 -8.52
N ASN A 184 -10.20 9.21 -9.02
CA ASN A 184 -10.96 8.31 -8.15
C ASN A 184 -10.20 7.00 -7.96
N PRO A 185 -9.68 6.76 -6.74
CA PRO A 185 -8.95 5.54 -6.45
C PRO A 185 -9.80 4.28 -6.67
N LYS A 186 -11.11 4.45 -6.75
CA LYS A 186 -11.96 3.28 -6.99
C LYS A 186 -11.57 2.66 -8.33
N SER A 187 -11.12 3.50 -9.26
CA SER A 187 -10.71 3.01 -10.59
C SER A 187 -9.48 2.06 -10.55
N LEU A 188 -8.82 1.96 -9.40
CA LEU A 188 -7.67 1.08 -9.27
C LEU A 188 -7.99 -0.21 -8.51
N LEU A 189 -9.27 -0.51 -8.38
CA LEU A 189 -9.72 -1.71 -7.68
C LEU A 189 -10.14 -2.80 -8.66
N PRO A 190 -10.03 -4.06 -8.25
CA PRO A 190 -10.43 -5.19 -9.11
C PRO A 190 -11.95 -5.34 -8.98
N ALA A 191 -12.57 -6.14 -9.84
CA ALA A 191 -14.02 -6.32 -9.75
C ALA A 191 -14.43 -7.16 -8.54
N SER A 192 -13.49 -7.91 -7.99
CA SER A 192 -13.80 -8.74 -6.83
C SER A 192 -13.48 -8.06 -5.51
N ARG A 193 -14.27 -8.36 -4.49
CA ARG A 193 -14.03 -7.78 -3.18
C ARG A 193 -13.60 -8.82 -2.16
N HIS A 194 -13.08 -9.95 -2.64
CA HIS A 194 -12.60 -11.00 -1.74
C HIS A 194 -11.25 -10.57 -1.20
N TYR A 195 -10.96 -10.96 0.04
CA TYR A 195 -9.71 -10.53 0.66
C TYR A 195 -9.22 -11.43 1.77
N TRP A 196 -7.98 -11.16 2.16
CA TRP A 196 -7.33 -11.82 3.29
C TRP A 196 -7.15 -10.66 4.28
N THR A 197 -7.30 -10.92 5.56
CA THR A 197 -7.12 -9.88 6.55
C THR A 197 -6.36 -10.44 7.72
N TYR A 198 -5.50 -9.62 8.31
CA TYR A 198 -4.72 -9.99 9.48
C TYR A 198 -4.23 -8.70 10.12
N PRO A 199 -3.91 -8.75 11.42
CA PRO A 199 -3.41 -7.59 12.16
C PRO A 199 -1.92 -7.44 11.87
N GLY A 200 -1.51 -6.23 11.48
CA GLY A 200 -0.12 -6.01 11.16
C GLY A 200 0.41 -4.62 11.45
N SER A 201 1.35 -4.17 10.62
CA SER A 201 2.00 -2.89 10.79
C SER A 201 2.27 -2.13 9.49
N LEU A 202 2.81 -0.92 9.67
CA LEU A 202 3.22 -0.09 8.55
C LEU A 202 4.42 -0.87 8.01
N THR A 203 4.64 -0.83 6.71
CA THR A 203 5.76 -1.56 6.15
C THR A 203 6.97 -0.66 5.93
N THR A 204 6.88 0.58 6.44
CA THR A 204 7.97 1.55 6.37
C THR A 204 8.10 2.13 7.79
N PRO A 205 9.32 2.51 8.21
CA PRO A 205 9.53 3.08 9.54
C PRO A 205 8.53 4.22 9.77
N PRO A 206 8.01 4.39 11.01
CA PRO A 206 8.31 3.66 12.23
C PRO A 206 7.82 2.21 12.39
N LEU A 207 7.25 1.61 11.34
CA LEU A 207 6.79 0.22 11.39
C LEU A 207 5.81 -0.07 12.54
N SER A 208 5.03 0.94 12.92
CA SER A 208 4.06 0.81 14.01
C SER A 208 3.05 -0.29 13.71
N GLU A 209 2.74 -1.08 14.73
CA GLU A 209 1.81 -2.21 14.63
C GLU A 209 0.40 -1.72 14.91
N SER A 210 -0.08 -0.89 14.00
CA SER A 210 -1.37 -0.24 14.09
C SER A 210 -2.25 -0.49 12.89
N VAL A 211 -1.87 -1.45 12.05
CA VAL A 211 -2.61 -1.69 10.83
C VAL A 211 -3.44 -2.95 10.71
N THR A 212 -4.69 -2.77 10.30
CA THR A 212 -5.54 -3.92 10.04
C THR A 212 -5.37 -4.04 8.52
N TRP A 213 -4.77 -5.13 8.08
CA TRP A 213 -4.54 -5.32 6.67
C TRP A 213 -5.68 -6.02 5.97
N ILE A 214 -5.98 -5.53 4.78
CA ILE A 214 -7.00 -6.10 3.93
C ILE A 214 -6.37 -6.24 2.54
N VAL A 215 -5.89 -7.43 2.23
CA VAL A 215 -5.24 -7.69 0.95
C VAL A 215 -6.25 -8.32 0.00
N LEU A 216 -6.60 -7.62 -1.07
CA LEU A 216 -7.59 -8.16 -2.00
C LEU A 216 -6.99 -9.33 -2.77
N ARG A 217 -7.82 -10.35 -2.95
CA ARG A 217 -7.41 -11.56 -3.65
C ARG A 217 -7.08 -11.32 -5.12
N GLU A 218 -7.94 -10.56 -5.79
CA GLU A 218 -7.77 -10.30 -7.21
C GLU A 218 -6.89 -9.12 -7.57
N PRO A 219 -5.87 -9.37 -8.39
CA PRO A 219 -5.00 -8.26 -8.78
C PRO A 219 -5.58 -7.47 -9.95
N ILE A 220 -5.03 -6.28 -10.18
CA ILE A 220 -5.45 -5.48 -11.32
C ILE A 220 -4.25 -5.60 -12.26
N SER A 221 -4.46 -5.33 -13.54
CA SER A 221 -3.35 -5.40 -14.47
C SER A 221 -3.09 -4.04 -15.12
N ILE A 222 -1.83 -3.73 -15.38
CA ILE A 222 -1.50 -2.49 -16.07
C ILE A 222 -0.51 -2.95 -17.15
N SER A 223 -0.28 -2.12 -18.16
CA SER A 223 0.66 -2.51 -19.22
C SER A 223 2.11 -2.38 -18.77
N GLU A 224 3.01 -3.06 -19.50
CA GLU A 224 4.43 -3.01 -19.19
C GLU A 224 4.90 -1.56 -19.33
N ARG A 225 4.34 -0.83 -20.29
CA ARG A 225 4.70 0.57 -20.49
C ARG A 225 4.38 1.37 -19.23
N GLN A 226 3.18 1.13 -18.70
CA GLN A 226 2.74 1.82 -17.49
C GLN A 226 3.68 1.45 -16.32
N MET A 227 3.96 0.15 -16.16
CA MET A 227 4.86 -0.30 -15.10
C MET A 227 6.21 0.38 -15.23
N GLY A 228 6.71 0.44 -16.46
CA GLY A 228 7.99 1.08 -16.70
C GLY A 228 8.04 2.55 -16.25
N LYS A 229 6.91 3.25 -16.28
CA LYS A 229 6.93 4.65 -15.86
C LYS A 229 7.28 4.78 -14.37
N PHE A 230 6.84 3.81 -13.58
CA PHE A 230 7.13 3.85 -12.14
C PHE A 230 8.65 3.70 -11.95
N ARG A 231 9.26 2.82 -12.73
CA ARG A 231 10.70 2.61 -12.63
C ARG A 231 11.51 3.81 -13.12
N SER A 232 10.84 4.79 -13.74
CA SER A 232 11.53 5.99 -14.22
C SER A 232 11.68 7.00 -13.09
N LEU A 233 10.96 6.78 -11.99
CA LEU A 233 11.05 7.69 -10.85
C LEU A 233 12.42 7.51 -10.22
N LEU A 234 12.85 8.49 -9.44
CA LEU A 234 14.16 8.42 -8.82
C LEU A 234 14.10 8.56 -7.30
N PHE A 235 15.06 7.92 -6.62
CA PHE A 235 15.18 7.99 -5.16
C PHE A 235 15.88 9.29 -4.82
N THR A 236 16.65 9.78 -5.79
CA THR A 236 17.48 10.97 -5.63
C THR A 236 16.86 12.28 -6.08
N SER A 237 17.43 13.39 -5.63
CA SER A 237 16.92 14.71 -6.01
C SER A 237 17.51 15.15 -7.35
N GLU A 238 17.12 16.33 -7.79
CA GLU A 238 17.58 16.86 -9.07
C GLU A 238 19.09 17.03 -9.19
N ASP A 239 19.75 17.44 -8.11
CA ASP A 239 21.20 17.65 -8.16
C ASP A 239 22.01 16.36 -8.01
N ASP A 240 21.75 15.60 -6.95
CA ASP A 240 22.46 14.36 -6.70
C ASP A 240 22.49 13.42 -7.90
N GLU A 241 23.38 12.45 -7.86
CA GLU A 241 23.49 11.48 -8.93
C GLU A 241 22.13 10.78 -9.04
N ARG A 242 21.86 10.17 -10.18
CA ARG A 242 20.58 9.50 -10.38
C ARG A 242 20.53 8.06 -9.92
N ILE A 243 19.58 7.78 -9.04
CA ILE A 243 19.38 6.43 -8.52
C ILE A 243 17.88 6.14 -8.69
N HIS A 244 17.55 5.23 -9.60
CA HIS A 244 16.16 4.90 -9.85
C HIS A 244 15.42 4.26 -8.69
N MET A 245 14.21 4.75 -8.45
CA MET A 245 13.38 4.21 -7.39
C MET A 245 12.83 2.86 -7.85
N VAL A 246 13.49 1.78 -7.41
CA VAL A 246 13.07 0.41 -7.73
C VAL A 246 13.35 -0.48 -6.52
N ASN A 247 12.63 -1.59 -6.40
CA ASN A 247 12.78 -2.50 -5.27
C ASN A 247 12.54 -1.78 -3.95
N ASN A 248 11.55 -0.89 -3.97
CA ASN A 248 11.18 -0.13 -2.78
C ASN A 248 10.11 -0.90 -2.00
N PHE A 249 10.42 -2.14 -1.67
CA PHE A 249 9.49 -2.99 -0.94
C PHE A 249 10.18 -3.72 0.23
N ARG A 250 9.42 -4.01 1.27
CA ARG A 250 9.92 -4.75 2.42
C ARG A 250 9.44 -6.18 2.19
N PRO A 251 10.34 -7.17 2.33
CA PRO A 251 9.98 -8.58 2.14
C PRO A 251 9.15 -9.17 3.29
N PRO A 252 8.57 -10.36 3.09
CA PRO A 252 7.75 -11.03 4.12
C PRO A 252 8.36 -11.14 5.52
N GLN A 253 7.55 -10.90 6.55
CA GLN A 253 8.01 -10.98 7.93
C GLN A 253 7.40 -12.17 8.67
N PRO A 254 8.00 -12.59 9.81
CA PRO A 254 7.47 -13.74 10.55
C PRO A 254 6.03 -13.56 10.99
N LEU A 255 5.23 -14.60 10.74
CA LEU A 255 3.80 -14.59 11.08
C LEU A 255 3.58 -14.57 12.59
N LYS A 256 4.49 -15.20 13.32
CA LYS A 256 4.43 -15.21 14.79
C LYS A 256 3.09 -15.68 15.35
N GLY A 257 2.54 -16.72 14.76
CA GLY A 257 1.29 -17.26 15.24
C GLY A 257 0.05 -16.44 14.97
N ARG A 258 0.16 -15.42 14.12
CA ARG A 258 -1.00 -14.61 13.81
C ARG A 258 -1.97 -15.39 12.93
N VAL A 259 -3.25 -15.04 13.03
CA VAL A 259 -4.29 -15.69 12.27
C VAL A 259 -4.66 -14.88 11.04
N VAL A 260 -4.57 -15.51 9.88
CA VAL A 260 -4.94 -14.86 8.63
C VAL A 260 -6.34 -15.36 8.27
N LYS A 261 -7.28 -14.45 8.11
CA LYS A 261 -8.64 -14.82 7.77
C LYS A 261 -8.89 -14.54 6.29
N ALA A 262 -9.87 -15.24 5.72
CA ALA A 262 -10.23 -15.07 4.32
C ALA A 262 -11.74 -14.90 4.20
N SER A 263 -12.17 -14.05 3.28
CA SER A 263 -13.60 -13.81 3.09
C SER A 263 -14.17 -14.83 2.13
N PHE A 264 -13.32 -15.74 1.66
CA PHE A 264 -13.70 -16.77 0.69
C PHE A 264 -13.03 -18.09 0.98
N ARG A 265 -13.53 -19.14 0.34
CA ARG A 265 -12.98 -20.49 0.46
C ARG A 265 -12.07 -20.76 -0.75
N ALA A 266 -10.80 -21.02 -0.48
CA ALA A 266 -9.83 -21.29 -1.55
C ALA A 266 -10.21 -22.55 -2.32
ZN ZN B . 3.02 0.77 1.36
#